data_6VJV
#
_entry.id   6VJV
#
_cell.length_a   52.619
_cell.length_b   31.446
_cell.length_c   61.288
_cell.angle_alpha   90.000
_cell.angle_beta   92.480
_cell.angle_gamma   90.000
#
_symmetry.space_group_name_H-M   'P 1 21 1'
#
loop_
_entity.id
_entity.type
_entity.pdbx_description
1 polymer Ferredoxin
2 non-polymer 'FE2/S2 (INORGANIC) CLUSTER'
3 non-polymer 'ACETATE ION'
4 non-polymer 'ZINC ION'
5 water water
#
_entity_poly.entity_id   1
_entity_poly.type   'polypeptide(L)'
_entity_poly.pdbx_seq_one_letter_code
;AYSITLRSPDGAEEVVQCEEDQYILEAAEDAGLDMPSSCRAGACSACLGKVLEGSVNNEEQSFLDDDQLEEGWSLLCVAM
PQSDCVILTEQEDNLD
;
_entity_poly.pdbx_strand_id   A,B
#
loop_
_chem_comp.id
_chem_comp.type
_chem_comp.name
_chem_comp.formula
ACT non-polymer 'ACETATE ION' 'C2 H3 O2 -1'
FES non-polymer 'FE2/S2 (INORGANIC) CLUSTER' 'Fe2 S2'
ZN non-polymer 'ZINC ION' 'Zn 2'
#
# COMPACT_ATOMS: atom_id res chain seq x y z
N ALA A 1 -23.65 4.14 6.45
CA ALA A 1 -22.59 4.29 5.48
C ALA A 1 -21.39 3.45 5.89
N TYR A 2 -20.50 3.17 4.89
CA TYR A 2 -19.37 2.31 5.09
C TYR A 2 -18.08 3.08 4.82
N SER A 3 -17.02 2.71 5.54
CA SER A 3 -15.66 3.22 5.38
C SER A 3 -14.91 2.34 4.40
N ILE A 4 -14.48 2.93 3.31
CA ILE A 4 -13.68 2.24 2.28
C ILE A 4 -12.26 2.77 2.31
N THR A 5 -11.36 1.95 2.81
CA THR A 5 -9.94 2.30 2.85
C THR A 5 -9.34 1.93 1.51
N LEU A 6 -8.94 2.92 0.75
CA LEU A 6 -8.35 2.72 -0.56
C LEU A 6 -6.85 2.83 -0.44
N ARG A 7 -6.11 1.79 -0.85
CA ARG A 7 -4.69 1.75 -0.77
C ARG A 7 -4.11 1.61 -2.20
N SER A 8 -3.15 2.41 -2.54
CA SER A 8 -2.55 2.34 -3.84
C SER A 8 -1.24 1.57 -3.79
N PRO A 9 -0.76 1.09 -4.95
CA PRO A 9 0.54 0.38 -4.93
C PRO A 9 1.72 1.28 -4.57
N ASP A 10 1.60 2.59 -4.75
CA ASP A 10 2.60 3.55 -4.34
C ASP A 10 2.46 3.98 -2.86
N GLY A 11 1.59 3.33 -2.12
CA GLY A 11 1.61 3.56 -0.68
C GLY A 11 0.68 4.63 -0.17
N ALA A 12 -0.14 5.21 -1.03
CA ALA A 12 -1.13 6.16 -0.56
C ALA A 12 -2.28 5.41 0.10
N GLU A 13 -2.88 6.04 1.10
CA GLU A 13 -4.06 5.47 1.75
C GLU A 13 -5.05 6.60 2.03
N GLU A 14 -6.28 6.38 1.64
CA GLU A 14 -7.35 7.37 1.83
C GLU A 14 -8.58 6.59 2.27
N VAL A 15 -9.35 7.14 3.21
CA VAL A 15 -10.64 6.55 3.60
C VAL A 15 -11.79 7.38 3.05
N VAL A 16 -12.63 6.71 2.26
CA VAL A 16 -13.76 7.31 1.57
C VAL A 16 -15.02 6.73 2.17
N GLN A 17 -15.99 7.59 2.43
CA GLN A 17 -17.28 7.12 2.94
C GLN A 17 -18.16 6.80 1.74
N CYS A 18 -18.92 5.71 1.83
CA CYS A 18 -19.76 5.31 0.71
C CYS A 18 -20.99 4.56 1.19
N GLU A 19 -22.14 4.82 0.58
CA GLU A 19 -23.37 4.16 0.97
C GLU A 19 -23.53 2.83 0.26
N GLU A 20 -24.46 2.02 0.80
N GLU A 20 -24.44 2.00 0.79
CA GLU A 20 -24.75 0.66 0.31
CA GLU A 20 -24.62 0.63 0.25
C GLU A 20 -25.14 0.64 -1.16
C GLU A 20 -25.16 0.63 -1.18
N ASP A 21 -25.77 1.71 -1.64
CA ASP A 21 -26.31 1.78 -2.99
C ASP A 21 -25.54 2.78 -3.84
N GLN A 22 -24.29 3.07 -3.45
CA GLN A 22 -23.47 4.05 -4.09
C GLN A 22 -22.22 3.34 -4.65
N TYR A 23 -21.82 3.71 -5.86
CA TYR A 23 -20.65 3.07 -6.44
C TYR A 23 -19.36 3.53 -5.82
N ILE A 24 -18.47 2.59 -5.62
CA ILE A 24 -17.16 2.88 -4.98
C ILE A 24 -16.41 3.96 -5.76
N LEU A 25 -16.28 3.80 -7.11
CA LEU A 25 -15.57 4.80 -7.87
C LEU A 25 -16.17 6.18 -7.76
N GLU A 26 -17.51 6.29 -7.84
CA GLU A 26 -18.18 7.58 -7.71
C GLU A 26 -17.85 8.22 -6.37
N ALA A 27 -17.87 7.41 -5.31
CA ALA A 27 -17.59 7.94 -3.98
C ALA A 27 -16.17 8.45 -3.89
N ALA A 28 -15.23 7.68 -4.42
CA ALA A 28 -13.81 8.07 -4.43
C ALA A 28 -13.60 9.35 -5.18
N GLU A 29 -14.24 9.48 -6.37
CA GLU A 29 -14.10 10.68 -7.18
C GLU A 29 -14.69 11.91 -6.50
N ASP A 30 -15.82 11.75 -5.78
CA ASP A 30 -16.37 12.85 -4.97
C ASP A 30 -15.33 13.36 -3.98
N ALA A 31 -14.59 12.42 -3.38
CA ALA A 31 -13.53 12.71 -2.40
C ALA A 31 -12.28 13.25 -3.02
N GLY A 32 -12.26 13.40 -4.35
CA GLY A 32 -11.18 14.05 -5.02
C GLY A 32 -10.06 13.13 -5.47
N LEU A 33 -10.26 11.83 -5.46
CA LEU A 33 -9.19 10.91 -5.72
C LEU A 33 -9.08 10.68 -7.22
N ASP A 34 -7.86 10.42 -7.66
CA ASP A 34 -7.52 10.15 -9.06
C ASP A 34 -7.52 8.64 -9.21
N MET A 35 -8.57 8.09 -9.81
CA MET A 35 -8.79 6.66 -9.95
C MET A 35 -8.90 6.32 -11.41
N PRO A 36 -8.38 5.15 -11.85
CA PRO A 36 -8.48 4.75 -13.27
C PRO A 36 -9.88 4.25 -13.62
N SER A 37 -10.29 4.53 -14.86
CA SER A 37 -11.53 4.00 -15.38
C SER A 37 -11.52 4.22 -16.89
N SER A 38 -12.46 3.54 -17.54
CA SER A 38 -12.72 3.74 -18.95
C SER A 38 -14.22 3.62 -19.21
N CYS A 39 -14.73 2.39 -19.35
CA CYS A 39 -16.13 2.23 -19.81
C CYS A 39 -17.16 2.65 -18.76
N ARG A 40 -16.77 2.64 -17.49
CA ARG A 40 -17.67 2.93 -16.34
C ARG A 40 -18.95 2.09 -16.33
N ALA A 41 -18.91 0.93 -16.97
CA ALA A 41 -20.09 0.09 -17.11
C ALA A 41 -19.87 -1.35 -16.65
N GLY A 42 -18.74 -1.66 -16.08
CA GLY A 42 -18.47 -3.02 -15.63
C GLY A 42 -18.07 -4.00 -16.69
N ALA A 43 -17.68 -3.51 -17.87
CA ALA A 43 -17.36 -4.33 -19.03
C ALA A 43 -15.90 -4.22 -19.50
N CYS A 44 -15.01 -3.68 -18.69
CA CYS A 44 -13.61 -3.68 -19.04
C CYS A 44 -12.86 -3.99 -17.75
N SER A 45 -11.57 -3.69 -17.71
CA SER A 45 -10.86 -3.90 -16.47
C SER A 45 -10.20 -2.65 -15.93
N ALA A 46 -10.47 -1.49 -16.50
CA ALA A 46 -9.62 -0.32 -16.27
C ALA A 46 -9.72 0.19 -14.82
N CYS A 47 -10.85 -0.01 -14.18
CA CYS A 47 -11.07 0.52 -12.84
C CYS A 47 -10.75 -0.51 -11.78
N LEU A 48 -10.16 -1.62 -12.14
CA LEU A 48 -10.02 -2.77 -11.25
C LEU A 48 -9.34 -2.38 -9.93
N GLY A 49 -9.94 -2.90 -8.85
CA GLY A 49 -9.24 -3.00 -7.57
C GLY A 49 -9.32 -4.40 -7.05
N LYS A 50 -8.64 -4.61 -5.88
CA LYS A 50 -8.63 -5.91 -5.22
C LYS A 50 -9.16 -5.68 -3.80
N VAL A 51 -10.22 -6.37 -3.47
CA VAL A 51 -10.77 -6.27 -2.09
C VAL A 51 -9.91 -7.13 -1.18
N LEU A 52 -9.24 -6.50 -0.22
CA LEU A 52 -8.38 -7.17 0.72
C LEU A 52 -9.07 -7.53 2.03
N GLU A 53 -10.06 -6.75 2.43
CA GLU A 53 -10.88 -6.95 3.61
C GLU A 53 -12.28 -6.41 3.37
N GLY A 54 -13.26 -7.03 4.01
CA GLY A 54 -14.64 -6.55 3.86
C GLY A 54 -15.31 -7.25 2.71
N SER A 55 -16.47 -6.72 2.32
N SER A 55 -16.45 -6.69 2.30
CA SER A 55 -17.36 -7.38 1.37
CA SER A 55 -17.38 -7.35 1.39
C SER A 55 -17.94 -6.34 0.43
C SER A 55 -17.91 -6.30 0.41
N VAL A 56 -17.99 -6.68 -0.88
CA VAL A 56 -18.54 -5.76 -1.90
C VAL A 56 -19.57 -6.49 -2.75
N ASN A 57 -20.54 -5.73 -3.24
CA ASN A 57 -21.59 -6.22 -4.16
C ASN A 57 -21.10 -5.99 -5.59
N ASN A 58 -20.80 -7.07 -6.33
CA ASN A 58 -20.33 -6.97 -7.71
C ASN A 58 -21.41 -7.36 -8.72
N GLU A 59 -22.68 -7.32 -8.31
CA GLU A 59 -23.72 -7.92 -9.18
C GLU A 59 -23.88 -7.19 -10.50
N GLU A 60 -23.48 -5.91 -10.57
CA GLU A 60 -23.71 -5.15 -11.80
C GLU A 60 -22.61 -5.36 -12.84
N GLN A 61 -21.53 -6.02 -12.49
CA GLN A 61 -20.39 -6.13 -13.40
C GLN A 61 -20.59 -7.34 -14.28
N SER A 62 -19.84 -7.39 -15.39
CA SER A 62 -19.95 -8.49 -16.33
C SER A 62 -18.60 -9.02 -16.83
N PHE A 63 -17.50 -8.32 -16.62
CA PHE A 63 -16.25 -8.70 -17.26
C PHE A 63 -15.51 -9.81 -16.53
N LEU A 64 -15.50 -9.77 -15.20
CA LEU A 64 -14.83 -10.77 -14.39
C LEU A 64 -15.72 -12.00 -14.27
N ASP A 65 -15.07 -13.15 -14.17
CA ASP A 65 -15.80 -14.40 -14.00
C ASP A 65 -15.88 -14.72 -12.50
N ASP A 66 -16.52 -15.85 -12.20
CA ASP A 66 -16.84 -16.15 -10.81
C ASP A 66 -15.57 -16.42 -9.99
N ASP A 67 -14.56 -17.06 -10.58
CA ASP A 67 -13.34 -17.35 -9.83
C ASP A 67 -12.55 -16.07 -9.58
N GLN A 68 -12.59 -15.10 -10.53
CA GLN A 68 -11.89 -13.83 -10.33
C GLN A 68 -12.56 -13.06 -9.20
N LEU A 69 -13.89 -13.04 -9.20
CA LEU A 69 -14.61 -12.36 -8.13
C LEU A 69 -14.26 -12.98 -6.79
N GLU A 70 -14.20 -14.29 -6.73
CA GLU A 70 -13.88 -14.96 -5.47
C GLU A 70 -12.50 -14.56 -4.93
N GLU A 71 -11.55 -14.32 -5.82
CA GLU A 71 -10.19 -13.93 -5.39
C GLU A 71 -10.18 -12.51 -4.84
N GLY A 72 -11.22 -11.73 -5.09
CA GLY A 72 -11.33 -10.38 -4.56
C GLY A 72 -11.27 -9.30 -5.60
N TRP A 73 -11.02 -9.65 -6.86
CA TRP A 73 -11.00 -8.68 -7.91
C TRP A 73 -12.39 -8.02 -8.00
N SER A 74 -12.41 -6.73 -8.27
CA SER A 74 -13.64 -5.95 -8.27
C SER A 74 -13.53 -4.76 -9.21
N LEU A 75 -14.57 -4.57 -10.05
CA LEU A 75 -14.62 -3.41 -10.93
C LEU A 75 -15.33 -2.28 -10.16
N LEU A 76 -14.55 -1.30 -9.72
CA LEU A 76 -15.04 -0.33 -8.78
C LEU A 76 -16.04 0.65 -9.38
N CYS A 77 -16.10 0.78 -10.72
CA CYS A 77 -17.08 1.66 -11.33
C CYS A 77 -18.52 1.25 -11.02
N VAL A 78 -18.78 -0.06 -10.79
CA VAL A 78 -20.14 -0.53 -10.54
C VAL A 78 -20.23 -1.34 -9.26
N ALA A 79 -19.14 -1.50 -8.53
CA ALA A 79 -19.14 -2.14 -7.23
C ALA A 79 -19.79 -1.25 -6.17
N MET A 80 -20.47 -1.87 -5.24
CA MET A 80 -21.09 -1.15 -4.10
C MET A 80 -20.66 -1.85 -2.82
N PRO A 81 -20.32 -1.12 -1.78
CA PRO A 81 -19.84 -1.79 -0.58
C PRO A 81 -20.95 -2.46 0.19
N GLN A 82 -20.58 -3.54 0.89
CA GLN A 82 -21.48 -4.19 1.83
C GLN A 82 -20.95 -4.21 3.25
N SER A 83 -19.75 -3.67 3.46
CA SER A 83 -19.19 -3.52 4.80
C SER A 83 -18.12 -2.45 4.68
N ASP A 84 -17.56 -2.08 5.79
CA ASP A 84 -16.28 -1.43 5.75
C ASP A 84 -15.33 -2.35 4.99
N CYS A 85 -14.43 -1.76 4.22
N CYS A 85 -14.51 -1.74 4.12
CA CYS A 85 -13.55 -2.64 3.48
CA CYS A 85 -13.64 -2.47 3.21
C CYS A 85 -12.25 -1.91 3.16
C CYS A 85 -12.23 -1.89 3.19
N VAL A 86 -11.27 -2.72 2.78
CA VAL A 86 -9.95 -2.25 2.33
C VAL A 86 -9.76 -2.76 0.91
N ILE A 87 -9.48 -1.83 0.00
CA ILE A 87 -9.39 -2.14 -1.43
C ILE A 87 -8.09 -1.55 -1.99
N LEU A 88 -7.33 -2.39 -2.68
CA LEU A 88 -6.12 -2.02 -3.36
C LEU A 88 -6.45 -1.54 -4.80
N THR A 89 -6.01 -0.36 -5.12
CA THR A 89 -6.39 0.29 -6.36
C THR A 89 -5.31 0.03 -7.44
N GLU A 90 -5.65 0.48 -8.67
CA GLU A 90 -4.73 0.47 -9.81
C GLU A 90 -4.26 -0.95 -10.15
N GLN A 91 -5.19 -1.91 -10.20
CA GLN A 91 -4.86 -3.30 -10.26
C GLN A 91 -5.02 -3.92 -11.66
N GLU A 92 -5.45 -3.14 -12.66
CA GLU A 92 -5.71 -3.77 -13.96
C GLU A 92 -4.60 -4.71 -14.43
N ASP A 93 -3.37 -4.23 -14.41
CA ASP A 93 -2.27 -5.00 -15.01
C ASP A 93 -1.85 -6.21 -14.17
N ASN A 94 -2.38 -6.34 -12.96
CA ASN A 94 -2.16 -7.52 -12.10
C ASN A 94 -3.24 -8.56 -12.23
N LEU A 95 -4.28 -8.27 -13.00
CA LEU A 95 -5.37 -9.23 -13.18
C LEU A 95 -4.88 -10.49 -13.84
N ASP A 96 -5.17 -11.65 -13.22
N ASP A 96 -5.26 -11.62 -13.23
CA ASP A 96 -4.68 -12.95 -13.64
CA ASP A 96 -4.89 -12.98 -13.57
C ASP A 96 -5.89 -13.85 -13.80
C ASP A 96 -6.10 -13.80 -13.84
N ALA B 1 8.84 5.86 22.02
CA ALA B 1 8.86 4.88 20.95
C ALA B 1 8.03 5.44 19.82
N TYR B 2 8.22 4.88 18.61
CA TYR B 2 7.59 5.43 17.45
C TYR B 2 6.77 4.35 16.76
N SER B 3 5.71 4.78 16.08
CA SER B 3 4.85 3.88 15.33
C SER B 3 5.25 3.97 13.89
N ILE B 4 5.68 2.84 13.32
CA ILE B 4 6.07 2.78 11.93
C ILE B 4 5.00 2.03 11.15
N THR B 5 4.29 2.74 10.30
CA THR B 5 3.26 2.14 9.44
C THR B 5 3.96 1.66 8.19
N LEU B 6 3.99 0.36 8.00
CA LEU B 6 4.66 -0.23 6.85
C LEU B 6 3.59 -0.64 5.84
N ARG B 7 3.68 -0.12 4.63
CA ARG B 7 2.73 -0.42 3.57
C ARG B 7 3.47 -1.12 2.43
N SER B 8 2.89 -2.20 1.89
CA SER B 8 3.48 -2.86 0.76
C SER B 8 2.76 -2.49 -0.53
N PRO B 9 3.38 -2.72 -1.67
CA PRO B 9 2.70 -2.47 -2.95
C PRO B 9 1.50 -3.36 -3.21
N ASP B 10 1.41 -4.50 -2.52
CA ASP B 10 0.28 -5.43 -2.59
C ASP B 10 -0.82 -5.05 -1.61
N GLY B 11 -0.67 -3.91 -0.96
CA GLY B 11 -1.73 -3.37 -0.13
C GLY B 11 -1.74 -3.82 1.31
N ALA B 12 -0.73 -4.57 1.75
CA ALA B 12 -0.66 -4.89 3.17
C ALA B 12 -0.25 -3.68 3.97
N GLU B 13 -0.76 -3.60 5.19
CA GLU B 13 -0.33 -2.53 6.06
C GLU B 13 -0.18 -3.09 7.46
N GLU B 14 0.95 -2.79 8.07
CA GLU B 14 1.21 -3.25 9.43
C GLU B 14 1.81 -2.10 10.21
N VAL B 15 1.42 -1.88 11.47
CA VAL B 15 2.05 -0.83 12.29
C VAL B 15 2.95 -1.52 13.30
N VAL B 16 4.23 -1.13 13.30
CA VAL B 16 5.28 -1.73 14.12
C VAL B 16 5.78 -0.65 15.05
N GLN B 17 5.97 -0.99 16.33
CA GLN B 17 6.59 -0.08 17.24
C GLN B 17 8.10 -0.24 17.17
N CYS B 18 8.82 0.89 17.29
CA CYS B 18 10.28 0.87 17.14
C CYS B 18 10.89 2.00 17.96
N GLU B 19 11.94 1.71 18.70
CA GLU B 19 12.63 2.78 19.42
C GLU B 19 13.58 3.57 18.54
N GLU B 20 13.93 4.77 19.03
CA GLU B 20 14.82 5.70 18.33
C GLU B 20 16.20 5.10 18.05
N ASP B 21 16.62 4.11 18.83
CA ASP B 21 17.90 3.47 18.63
C ASP B 21 17.81 2.04 18.15
N GLN B 22 16.69 1.71 17.47
CA GLN B 22 16.39 0.37 17.03
C GLN B 22 16.19 0.44 15.53
N TYR B 23 16.75 -0.55 14.83
CA TYR B 23 16.62 -0.59 13.38
C TYR B 23 15.20 -0.98 12.95
N ILE B 24 14.73 -0.32 11.91
CA ILE B 24 13.35 -0.53 11.47
C ILE B 24 13.12 -1.99 11.06
N LEU B 25 14.06 -2.55 10.28
CA LEU B 25 13.92 -3.95 9.87
C LEU B 25 13.89 -4.91 11.07
N GLU B 26 14.75 -4.69 12.06
CA GLU B 26 14.76 -5.56 13.23
C GLU B 26 13.41 -5.49 13.90
N ALA B 27 12.85 -4.29 14.00
CA ALA B 27 11.56 -4.14 14.64
C ALA B 27 10.48 -4.85 13.85
N ALA B 28 10.51 -4.70 12.52
CA ALA B 28 9.51 -5.34 11.67
C ALA B 28 9.59 -6.85 11.74
N GLU B 29 10.79 -7.38 11.81
CA GLU B 29 10.99 -8.82 11.89
C GLU B 29 10.55 -9.35 13.25
N ASP B 30 10.78 -8.58 14.32
CA ASP B 30 10.19 -8.93 15.60
C ASP B 30 8.67 -9.10 15.52
N ALA B 31 7.99 -8.21 14.80
CA ALA B 31 6.54 -8.22 14.65
C ALA B 31 6.03 -9.24 13.65
N GLY B 32 6.92 -10.03 13.06
CA GLY B 32 6.52 -11.15 12.22
C GLY B 32 6.47 -10.88 10.73
N LEU B 33 6.99 -9.77 10.26
CA LEU B 33 6.84 -9.42 8.86
C LEU B 33 7.95 -10.06 8.02
N ASP B 34 7.61 -10.38 6.77
CA ASP B 34 8.56 -10.94 5.80
C ASP B 34 9.09 -9.78 4.97
N MET B 35 10.32 -9.37 5.26
CA MET B 35 10.88 -8.18 4.66
C MET B 35 12.08 -8.56 3.81
N PRO B 36 12.26 -7.95 2.63
CA PRO B 36 13.48 -8.20 1.86
C PRO B 36 14.70 -7.64 2.58
N SER B 37 15.81 -8.36 2.44
CA SER B 37 17.10 -7.86 2.91
C SER B 37 18.17 -8.77 2.36
N SER B 38 19.39 -8.27 2.33
CA SER B 38 20.53 -9.07 1.89
C SER B 38 21.72 -8.80 2.79
N CYS B 39 22.49 -7.75 2.48
N CYS B 39 22.50 -7.75 2.50
CA CYS B 39 23.70 -7.47 3.24
CA CYS B 39 23.72 -7.53 3.27
C CYS B 39 23.36 -7.13 4.69
C CYS B 39 23.39 -7.07 4.69
N ARG B 40 22.24 -6.42 4.90
CA ARG B 40 21.87 -5.95 6.23
C ARG B 40 22.92 -5.02 6.82
N ALA B 41 23.73 -4.37 5.98
CA ALA B 41 24.82 -3.53 6.45
C ALA B 41 24.75 -2.12 5.85
N GLY B 42 23.64 -1.74 5.22
CA GLY B 42 23.58 -0.46 4.56
C GLY B 42 24.41 -0.34 3.28
N ALA B 43 24.81 -1.46 2.66
CA ALA B 43 25.68 -1.42 1.48
C ALA B 43 25.04 -2.07 0.24
N CYS B 44 23.72 -2.08 0.16
N CYS B 44 23.72 -2.07 0.15
CA CYS B 44 23.04 -2.53 -1.06
CA CYS B 44 23.03 -2.54 -1.05
C CYS B 44 21.62 -1.96 -1.05
C CYS B 44 21.60 -1.98 -1.02
N SER B 45 20.78 -2.42 -1.98
CA SER B 45 19.42 -1.91 -2.09
C SER B 45 18.33 -2.94 -1.77
N ALA B 46 18.70 -4.11 -1.24
CA ALA B 46 17.72 -5.18 -1.07
C ALA B 46 16.55 -4.73 -0.20
N CYS B 47 16.85 -4.08 0.92
N CYS B 47 16.83 -4.14 0.96
CA CYS B 47 15.86 -3.75 1.95
CA CYS B 47 15.76 -3.78 1.90
C CYS B 47 15.11 -2.45 1.68
C CYS B 47 15.29 -2.35 1.74
N LEU B 48 15.39 -1.80 0.55
CA LEU B 48 14.93 -0.45 0.33
C LEU B 48 13.46 -0.28 0.69
N GLY B 49 13.17 0.77 1.41
CA GLY B 49 11.83 1.32 1.49
C GLY B 49 11.86 2.76 1.05
N LYS B 50 10.70 3.36 1.04
CA LYS B 50 10.55 4.76 0.72
C LYS B 50 9.72 5.39 1.82
N VAL B 51 10.29 6.37 2.52
CA VAL B 51 9.63 7.05 3.61
C VAL B 51 8.62 8.02 3.00
N LEU B 52 7.34 7.80 3.26
CA LEU B 52 6.30 8.66 2.71
C LEU B 52 5.87 9.77 3.66
N GLU B 53 5.98 9.55 4.97
CA GLU B 53 5.64 10.52 5.99
C GLU B 53 6.59 10.27 7.16
N GLY B 54 7.08 11.34 7.73
CA GLY B 54 7.90 11.23 8.93
C GLY B 54 9.38 11.33 8.63
N SER B 55 10.18 11.08 9.68
N SER B 55 10.16 11.06 9.67
CA SER B 55 11.63 11.27 9.63
CA SER B 55 11.61 11.24 9.60
C SER B 55 12.33 9.99 10.08
C SER B 55 12.30 9.96 10.06
N VAL B 56 13.36 9.58 9.33
CA VAL B 56 14.20 8.47 9.72
C VAL B 56 15.65 8.93 9.71
N ASN B 57 16.44 8.28 10.54
CA ASN B 57 17.87 8.51 10.64
C ASN B 57 18.59 7.48 9.77
N ASN B 58 19.22 7.97 8.69
CA ASN B 58 19.94 7.11 7.76
C ASN B 58 21.44 7.21 7.93
N GLU B 59 21.91 7.78 9.03
CA GLU B 59 23.32 8.08 9.13
C GLU B 59 24.19 6.83 8.99
N GLU B 60 23.64 5.63 9.27
CA GLU B 60 24.48 4.45 9.23
C GLU B 60 24.63 3.85 7.84
N GLN B 61 23.86 4.29 6.86
CA GLN B 61 23.88 3.68 5.54
C GLN B 61 24.93 4.34 4.64
N SER B 62 25.31 3.63 3.58
CA SER B 62 26.36 4.09 2.67
C SER B 62 26.07 3.88 1.19
N PHE B 63 25.00 3.17 0.81
CA PHE B 63 24.74 2.86 -0.59
C PHE B 63 24.05 4.01 -1.30
N LEU B 64 23.03 4.60 -0.65
CA LEU B 64 22.25 5.69 -1.21
C LEU B 64 23.03 6.99 -1.13
N ASP B 65 22.88 7.86 -2.13
CA ASP B 65 23.53 9.15 -2.07
C ASP B 65 22.56 10.18 -1.50
N ASP B 66 23.03 11.42 -1.38
CA ASP B 66 22.27 12.41 -0.62
C ASP B 66 21.00 12.82 -1.38
N ASP B 67 20.99 12.73 -2.72
CA ASP B 67 19.76 13.08 -3.42
C ASP B 67 18.71 11.96 -3.25
N GLN B 68 19.15 10.71 -3.08
CA GLN B 68 18.21 9.62 -2.88
C GLN B 68 17.62 9.67 -1.50
N LEU B 69 18.45 9.99 -0.49
CA LEU B 69 17.93 10.11 0.87
C LEU B 69 16.93 11.26 0.96
N GLU B 70 17.18 12.36 0.26
CA GLU B 70 16.24 13.48 0.27
C GLU B 70 14.91 13.10 -0.36
N GLU B 71 14.93 12.24 -1.39
CA GLU B 71 13.64 11.82 -1.95
C GLU B 71 12.89 10.91 -0.98
N GLY B 72 13.55 10.34 0.01
CA GLY B 72 12.88 9.48 0.98
C GLY B 72 13.29 8.03 0.91
N TRP B 73 14.24 7.69 0.04
CA TRP B 73 14.75 6.33 -0.02
C TRP B 73 15.50 6.00 1.26
N SER B 74 15.33 4.77 1.73
CA SER B 74 15.91 4.36 3.00
C SER B 74 16.26 2.89 2.98
N LEU B 75 17.42 2.55 3.49
CA LEU B 75 17.80 1.17 3.73
C LEU B 75 17.35 0.81 5.16
N LEU B 76 16.25 0.08 5.24
CA LEU B 76 15.60 -0.18 6.53
C LEU B 76 16.45 -1.02 7.47
N CYS B 77 17.43 -1.76 6.93
N CYS B 77 17.43 -1.76 6.93
CA CYS B 77 18.26 -2.61 7.78
CA CYS B 77 18.26 -2.61 7.78
C CYS B 77 19.07 -1.77 8.75
C CYS B 77 19.09 -1.78 8.75
N VAL B 78 19.39 -0.54 8.39
CA VAL B 78 20.17 0.31 9.29
C VAL B 78 19.49 1.63 9.56
N ALA B 79 18.26 1.79 9.14
CA ALA B 79 17.52 3.01 9.38
C ALA B 79 16.94 2.96 10.80
N MET B 80 16.94 4.10 11.49
CA MET B 80 16.23 4.20 12.77
C MET B 80 15.20 5.32 12.75
N PRO B 81 14.04 5.13 13.37
CA PRO B 81 13.00 6.14 13.26
C PRO B 81 13.35 7.37 14.07
N GLN B 82 12.94 8.51 13.58
CA GLN B 82 13.00 9.74 14.38
C GLN B 82 11.63 10.34 14.64
N SER B 83 10.56 9.69 14.18
CA SER B 83 9.21 10.12 14.39
C SER B 83 8.31 8.93 14.05
N ASP B 84 7.02 9.04 14.35
CA ASP B 84 6.06 8.17 13.70
C ASP B 84 6.21 8.35 12.20
N CYS B 85 6.08 7.27 11.43
N CYS B 85 6.16 7.23 11.45
CA CYS B 85 6.28 7.43 10.01
CA CYS B 85 6.45 7.21 10.03
C CYS B 85 5.52 6.38 9.25
C CYS B 85 5.46 6.38 9.26
N VAL B 86 5.47 6.60 7.95
CA VAL B 86 4.80 5.71 7.00
C VAL B 86 5.86 5.37 5.96
N ILE B 87 6.11 4.08 5.75
CA ILE B 87 7.15 3.65 4.83
C ILE B 87 6.58 2.60 3.91
N LEU B 88 6.84 2.79 2.60
CA LEU B 88 6.48 1.85 1.53
C LEU B 88 7.64 0.87 1.37
N THR B 89 7.34 -0.42 1.50
CA THR B 89 8.32 -1.48 1.45
C THR B 89 8.48 -2.03 0.05
N GLU B 90 9.45 -2.94 -0.11
CA GLU B 90 9.67 -3.70 -1.34
C GLU B 90 9.95 -2.79 -2.53
N GLN B 91 10.79 -1.77 -2.32
CA GLN B 91 11.01 -0.73 -3.32
C GLN B 91 12.29 -0.90 -4.14
N GLU B 92 13.08 -1.94 -3.89
CA GLU B 92 14.39 -2.02 -4.55
C GLU B 92 14.31 -1.74 -6.04
N ASP B 93 13.36 -2.36 -6.73
CA ASP B 93 13.32 -2.22 -8.18
C ASP B 93 12.80 -0.87 -8.65
N ASN B 94 12.35 -0.01 -7.74
CA ASN B 94 11.88 1.34 -8.06
C ASN B 94 12.89 2.43 -7.75
N LEU B 95 14.03 2.08 -7.16
CA LEU B 95 15.06 3.07 -6.85
C LEU B 95 15.48 3.80 -8.12
N ASP B 96 15.59 5.13 -8.02
CA ASP B 96 16.05 5.98 -9.13
C ASP B 96 17.24 6.82 -8.69
FE1 FES C . -15.00 -0.23 -14.63
FE2 FES C . -14.66 -0.47 -17.34
S1 FES C . -15.24 -2.03 -15.85
S2 FES C . -14.22 1.31 -16.02
C ACT D . -9.79 -15.92 -15.56
O ACT D . -10.21 -16.84 -14.72
OXT ACT D . -8.73 -15.25 -15.57
CH3 ACT D . -10.74 -15.59 -16.67
H1 ACT D . -10.96 -16.39 -17.16
H2 ACT D . -10.33 -14.94 -17.25
H3 ACT D . -11.55 -15.22 -16.29
C ACT E . -25.65 5.70 6.32
O ACT E . -26.76 5.53 5.71
OXT ACT E . -24.71 4.95 6.46
CH3 ACT E . -25.62 7.09 7.21
H1 ACT E . -24.72 7.29 7.48
H2 ACT E . -26.17 6.97 8.01
H3 ACT E . -25.99 7.82 6.68
ZN ZN F . -4.41 -14.38 -8.18
ZN ZN F . -2.66 -15.23 -9.80
ZN ZN G . -9.40 -4.54 9.39
ZN ZN H . -3.83 2.68 7.29
ZN ZN I . -11.74 -17.87 -14.37
ZN ZN J . -21.53 11.72 -5.44
ZN ZN K . -5.91 -1.17 -19.90
ZN ZN L . -25.63 4.42 5.51
FE1 FES M . 19.88 -2.88 3.78
FE2 FES M . 21.81 -4.29 2.11
S1 FES M . 21.51 -2.18 2.54
S2 FES M . 19.95 -4.94 2.94
C ACT N . -5.40 1.88 7.78
O ACT N . -5.72 2.92 8.42
OXT ACT N . -4.27 1.63 7.26
CH3 ACT N . -6.46 0.80 7.67
H1 ACT N . -6.79 0.76 6.76
H2 ACT N . -7.20 1.00 8.27
H3 ACT N . -6.08 -0.06 7.91
C ACT O . 21.21 8.68 -7.92
O ACT O . 20.32 9.55 -8.14
OXT ACT O . 22.28 8.83 -7.24
CH3 ACT O . 20.95 7.27 -8.56
H1 ACT O . 21.81 6.81 -8.68
H2 ACT O . 20.52 7.37 -9.42
H3 ACT O . 20.39 6.74 -7.98
ZN ZN P . 16.97 1.05 24.33
ZN ZN Q . 10.14 4.81 23.60
ZN ZN R . 22.14 10.58 -6.77
ZN ZN S . 13.91 -7.02 18.72
ZN ZN T . 12.14 9.75 -7.68
ZN ZN U . 15.41 -5.37 -10.85
ZN ZN V . 19.75 -4.19 4.12
#